data_9O0H
#
_entry.id   9O0H
#
_cell.length_a   55.152
_cell.length_b   65.540
_cell.length_c   112.902
_cell.angle_alpha   90.000
_cell.angle_beta   90.000
_cell.angle_gamma   90.000
#
_symmetry.space_group_name_H-M   'P 21 21 21'
#
loop_
_entity.id
_entity.type
_entity.pdbx_description
1 polymer 'Transcription factor ETV6,Non-receptor tyrosine-protein kinase TNK1'
2 water water
#
_entity_poly.entity_id   1
_entity_poly.type   'polypeptide(L)'
_entity_poly.pdbx_seq_one_letter_code
;GSIRLPAHLRLQPIYWSRDDVAQWLKWAENEFSLRPIDSNTFEMNGKALLLLTKEDFRYRSPHSGDELYELLQHILKQRP
GGGGSTSIRLPAHLRLQPIYWSRDDVAQWLKWAENEFSLRPIDSNTFEMNGKALLLLTKEDFRYRSPHSGDVLYELLQHI
LKQRPGGGGSTSIRLPAHLRLQPIYWSRDDVAQWLKWAENEFSLRPIDSNTFEMNGKALLLLTKEDFRYRSPHSGDVLYE
LLQHILGGELQRKIMEVELSVHGVTHQEAQTALGATGGDVVSAIRNLKVDQLFHLSSRSRADAWRILEHYQWDLSAASRY
VLARP
;
_entity_poly.pdbx_strand_id   B
#
# COMPACT_ATOMS: atom_id res chain seq x y z
N SER A 2 -28.66 -33.70 2.84
CA SER A 2 -29.04 -32.92 4.03
C SER A 2 -28.88 -31.43 3.76
N ILE A 3 -27.75 -31.07 3.17
CA ILE A 3 -27.46 -29.68 2.82
C ILE A 3 -27.96 -29.42 1.40
N ARG A 4 -28.68 -28.31 1.22
CA ARG A 4 -29.21 -27.94 -0.08
C ARG A 4 -29.12 -26.43 -0.24
N LEU A 5 -28.69 -26.00 -1.42
CA LEU A 5 -28.68 -24.58 -1.74
C LEU A 5 -30.11 -24.04 -1.79
N PRO A 6 -30.33 -22.82 -1.30
CA PRO A 6 -31.62 -22.17 -1.51
C PRO A 6 -31.91 -22.03 -3.00
N ALA A 7 -33.20 -22.02 -3.34
CA ALA A 7 -33.62 -22.04 -4.74
C ALA A 7 -33.00 -20.89 -5.52
N HIS A 8 -32.95 -19.69 -4.94
CA HIS A 8 -32.38 -18.55 -5.64
C HIS A 8 -30.91 -18.76 -5.99
N LEU A 9 -30.18 -19.50 -5.15
CA LEU A 9 -28.74 -19.60 -5.27
C LEU A 9 -28.28 -20.78 -6.12
N ARG A 10 -29.19 -21.47 -6.80
CA ARG A 10 -28.80 -22.60 -7.62
C ARG A 10 -28.30 -22.16 -8.99
N LEU A 11 -28.27 -20.86 -9.27
CA LEU A 11 -27.62 -20.33 -10.46
C LEU A 11 -26.16 -20.02 -10.16
N GLN A 12 -25.35 -19.96 -11.22
CA GLN A 12 -23.93 -19.69 -11.06
C GLN A 12 -23.74 -18.34 -10.39
N PRO A 13 -22.80 -18.24 -9.43
CA PRO A 13 -22.69 -17.00 -8.64
C PRO A 13 -22.45 -15.76 -9.47
N ILE A 14 -21.91 -15.89 -10.68
CA ILE A 14 -21.65 -14.72 -11.51
C ILE A 14 -22.94 -13.94 -11.79
N TYR A 15 -24.07 -14.63 -11.78
CA TYR A 15 -25.37 -14.02 -12.05
C TYR A 15 -26.12 -13.63 -10.78
N TRP A 16 -25.53 -13.83 -9.60
CA TRP A 16 -26.21 -13.50 -8.36
C TRP A 16 -26.40 -12.00 -8.23
N SER A 17 -27.57 -11.59 -7.75
CA SER A 17 -27.84 -10.20 -7.47
C SER A 17 -27.40 -9.86 -6.05
N ARG A 18 -27.49 -8.58 -5.71
CA ARG A 18 -27.18 -8.13 -4.36
C ARG A 18 -28.10 -8.80 -3.34
N ASP A 19 -29.36 -9.03 -3.70
CA ASP A 19 -30.26 -9.74 -2.80
C ASP A 19 -29.93 -11.23 -2.74
N ASP A 20 -29.32 -11.77 -3.81
CA ASP A 20 -28.90 -13.17 -3.77
C ASP A 20 -27.74 -13.37 -2.79
N VAL A 21 -26.75 -12.49 -2.81
CA VAL A 21 -25.63 -12.65 -1.89
C VAL A 21 -26.10 -12.47 -0.45
N ALA A 22 -27.07 -11.57 -0.22
CA ALA A 22 -27.62 -11.41 1.12
C ALA A 22 -28.32 -12.68 1.58
N GLN A 23 -29.05 -13.34 0.69
CA GLN A 23 -29.65 -14.62 1.04
C GLN A 23 -28.57 -15.67 1.28
N TRP A 24 -27.50 -15.65 0.48
CA TRP A 24 -26.40 -16.57 0.69
C TRP A 24 -25.79 -16.38 2.07
N LEU A 25 -25.61 -15.12 2.49
CA LEU A 25 -25.02 -14.85 3.80
C LEU A 25 -25.90 -15.39 4.92
N LYS A 26 -27.20 -15.08 4.87
CA LYS A 26 -28.12 -15.57 5.90
C LYS A 26 -28.16 -17.09 5.93
N TRP A 27 -28.16 -17.73 4.76
CA TRP A 27 -28.22 -19.19 4.71
C TRP A 27 -26.93 -19.81 5.22
N ALA A 28 -25.79 -19.17 4.95
CA ALA A 28 -24.52 -19.71 5.43
C ALA A 28 -24.43 -19.63 6.94
N GLU A 29 -24.87 -18.52 7.54
CA GLU A 29 -24.83 -18.40 9.00
C GLU A 29 -25.60 -19.54 9.67
N ASN A 30 -26.85 -19.76 9.23
CA ASN A 30 -27.68 -20.77 9.88
C ASN A 30 -27.15 -22.18 9.63
N GLU A 31 -26.73 -22.47 8.39
CA GLU A 31 -26.32 -23.82 8.03
C GLU A 31 -25.04 -24.24 8.75
N PHE A 32 -24.12 -23.31 8.98
CA PHE A 32 -22.81 -23.64 9.52
C PHE A 32 -22.60 -23.15 10.95
N SER A 33 -23.66 -22.63 11.59
CA SER A 33 -23.59 -22.12 12.96
C SER A 33 -22.52 -21.04 13.10
N LEU A 34 -22.45 -20.14 12.12
CA LEU A 34 -21.47 -19.08 12.12
C LEU A 34 -21.91 -17.95 13.06
N ARG A 35 -20.94 -17.13 13.45
CA ARG A 35 -21.25 -15.92 14.20
C ARG A 35 -21.99 -14.95 13.28
N PRO A 36 -22.95 -14.19 13.82
CA PRO A 36 -23.75 -13.32 12.96
C PRO A 36 -22.90 -12.25 12.27
N ILE A 37 -23.29 -11.93 11.03
CA ILE A 37 -22.72 -10.81 10.29
C ILE A 37 -23.88 -10.02 9.69
N ASP A 38 -23.77 -8.70 9.73
CA ASP A 38 -24.82 -7.85 9.18
C ASP A 38 -24.92 -8.04 7.68
N SER A 39 -26.12 -7.85 7.14
CA SER A 39 -26.32 -7.94 5.70
C SER A 39 -25.59 -6.81 4.98
N ASN A 40 -25.31 -5.70 5.67
CA ASN A 40 -24.62 -4.55 5.11
C ASN A 40 -23.10 -4.73 5.07
N THR A 41 -22.59 -5.97 5.15
CA THR A 41 -21.16 -6.22 5.06
C THR A 41 -20.70 -6.67 3.69
N PHE A 42 -21.62 -7.15 2.85
CA PHE A 42 -21.32 -7.51 1.45
C PHE A 42 -22.34 -6.82 0.55
N GLU A 43 -22.18 -5.50 0.36
CA GLU A 43 -23.09 -4.70 -0.47
C GLU A 43 -22.60 -4.75 -1.91
N MET A 44 -22.84 -5.88 -2.56
CA MET A 44 -22.36 -6.11 -3.91
C MET A 44 -23.12 -7.30 -4.50
N ASN A 45 -23.02 -7.45 -5.81
CA ASN A 45 -23.66 -8.57 -6.48
C ASN A 45 -22.66 -9.73 -6.62
N GLY A 46 -23.03 -10.75 -7.40
CA GLY A 46 -22.17 -11.90 -7.55
C GLY A 46 -20.90 -11.60 -8.32
N LYS A 47 -20.99 -10.74 -9.34
CA LYS A 47 -19.81 -10.39 -10.12
C LYS A 47 -18.71 -9.80 -9.25
N ALA A 48 -19.07 -8.91 -8.32
CA ALA A 48 -18.08 -8.34 -7.43
C ALA A 48 -17.62 -9.35 -6.39
N LEU A 49 -18.54 -10.17 -5.87
CA LEU A 49 -18.19 -11.17 -4.87
C LEU A 49 -17.08 -12.09 -5.39
N LEU A 50 -17.09 -12.41 -6.68
CA LEU A 50 -16.08 -13.30 -7.24
C LEU A 50 -14.74 -12.61 -7.44
N LEU A 51 -14.67 -11.29 -7.31
CA LEU A 51 -13.39 -10.58 -7.37
C LEU A 51 -12.67 -10.58 -6.03
N LEU A 52 -13.37 -10.87 -4.94
CA LEU A 52 -12.78 -10.77 -3.61
C LEU A 52 -11.77 -11.88 -3.37
N THR A 53 -10.64 -11.52 -2.78
CA THR A 53 -9.69 -12.52 -2.32
C THR A 53 -10.13 -13.05 -0.96
N LYS A 54 -9.47 -14.13 -0.51
CA LYS A 54 -9.75 -14.64 0.82
C LYS A 54 -9.42 -13.59 1.88
N GLU A 55 -8.37 -12.79 1.64
CA GLU A 55 -8.04 -11.69 2.56
C GLU A 55 -9.17 -10.67 2.63
N ASP A 56 -9.83 -10.41 1.50
CA ASP A 56 -10.97 -9.51 1.51
C ASP A 56 -12.10 -10.07 2.37
N PHE A 57 -12.33 -11.37 2.29
CA PHE A 57 -13.38 -12.00 3.11
C PHE A 57 -13.05 -11.90 4.59
N ARG A 58 -11.77 -12.01 4.95
CA ARG A 58 -11.39 -11.92 6.36
C ARG A 58 -11.54 -10.49 6.87
N TYR A 59 -11.19 -9.51 6.03
CA TYR A 59 -11.36 -8.11 6.42
C TYR A 59 -12.83 -7.79 6.68
N ARG A 60 -13.73 -8.36 5.88
CA ARG A 60 -15.15 -8.07 6.05
C ARG A 60 -15.77 -8.91 7.17
N SER A 61 -15.38 -10.17 7.29
CA SER A 61 -15.87 -11.07 8.34
C SER A 61 -14.68 -11.77 8.99
N PRO A 62 -14.14 -11.20 10.07
CA PRO A 62 -12.99 -11.83 10.73
C PRO A 62 -13.28 -13.20 11.32
N HIS A 63 -14.54 -13.52 11.62
CA HIS A 63 -14.85 -14.79 12.25
C HIS A 63 -15.24 -15.88 11.26
N SER A 64 -15.74 -15.50 10.08
CA SER A 64 -16.26 -16.48 9.14
C SER A 64 -15.80 -16.24 7.71
N GLY A 65 -14.96 -15.23 7.49
CA GLY A 65 -14.61 -14.86 6.12
C GLY A 65 -14.02 -16.00 5.31
N ASP A 66 -13.02 -16.69 5.88
CA ASP A 66 -12.38 -17.78 5.15
C ASP A 66 -13.33 -18.93 4.92
N GLU A 67 -14.19 -19.23 5.90
CA GLU A 67 -15.23 -20.24 5.70
C GLU A 67 -16.15 -19.86 4.55
N LEU A 68 -16.53 -18.57 4.48
CA LEU A 68 -17.39 -18.12 3.39
C LEU A 68 -16.66 -18.18 2.04
N TYR A 69 -15.36 -17.88 2.04
CA TYR A 69 -14.61 -17.94 0.79
C TYR A 69 -14.56 -19.36 0.25
N GLU A 70 -14.23 -20.33 1.11
CA GLU A 70 -14.13 -21.71 0.65
C GLU A 70 -15.50 -22.26 0.23
N LEU A 71 -16.56 -21.85 0.93
CA LEU A 71 -17.91 -22.24 0.52
C LEU A 71 -18.20 -21.74 -0.89
N LEU A 72 -17.85 -20.49 -1.19
CA LEU A 72 -18.07 -19.95 -2.53
C LEU A 72 -17.28 -20.70 -3.59
N GLN A 73 -16.02 -21.05 -3.28
CA GLN A 73 -15.21 -21.76 -4.28
C GLN A 73 -15.83 -23.10 -4.64
N HIS A 74 -16.46 -23.79 -3.67
CA HIS A 74 -17.10 -25.06 -3.97
C HIS A 74 -18.40 -24.87 -4.75
N ILE A 75 -19.08 -23.73 -4.57
CA ILE A 75 -20.23 -23.43 -5.42
C ILE A 75 -19.76 -23.11 -6.85
N LEU A 76 -18.60 -22.46 -6.99
CA LEU A 76 -18.07 -22.16 -8.32
C LEU A 76 -17.64 -23.43 -9.04
N LYS A 77 -16.79 -24.24 -8.40
CA LYS A 77 -16.30 -25.46 -9.03
C LYS A 77 -17.42 -26.43 -9.35
N GLN A 78 -18.56 -26.31 -8.66
CA GLN A 78 -19.73 -27.14 -8.96
C GLN A 78 -20.56 -26.56 -10.11
N ARG A 79 -20.39 -25.29 -10.44
CA ARG A 79 -21.16 -24.66 -11.50
C ARG A 79 -20.77 -25.19 -12.87
N ARG A 89 -17.91 -5.08 -21.94
CA ARG A 89 -16.93 -5.13 -20.87
C ARG A 89 -16.71 -3.75 -20.26
N LEU A 90 -15.73 -3.00 -20.79
CA LEU A 90 -15.47 -1.68 -20.26
C LEU A 90 -16.11 -0.61 -21.14
N PRO A 91 -16.44 0.54 -20.56
CA PRO A 91 -16.95 1.68 -21.35
C PRO A 91 -15.95 2.09 -22.42
N ALA A 92 -16.44 2.91 -23.36
CA ALA A 92 -15.63 3.29 -24.51
C ALA A 92 -14.35 4.02 -24.08
N HIS A 93 -14.47 5.00 -23.20
CA HIS A 93 -13.32 5.78 -22.76
C HIS A 93 -12.30 4.94 -22.01
N LEU A 94 -12.71 3.83 -21.40
CA LEU A 94 -11.85 3.08 -20.52
C LEU A 94 -11.17 1.89 -21.19
N ARG A 95 -11.38 1.71 -22.49
CA ARG A 95 -10.68 0.61 -23.17
C ARG A 95 -9.21 0.93 -23.45
N LEU A 96 -8.79 2.02 -22.84
CA LEU A 96 -7.41 2.49 -22.81
C LEU A 96 -6.66 1.86 -21.64
N GLN A 97 -5.34 1.76 -21.77
CA GLN A 97 -4.54 1.31 -20.65
C GLN A 97 -4.70 2.28 -19.49
N PRO A 98 -4.90 1.77 -18.27
CA PRO A 98 -5.21 2.67 -17.14
C PRO A 98 -4.18 3.76 -16.91
N ILE A 99 -2.91 3.52 -17.27
CA ILE A 99 -1.88 4.52 -17.05
C ILE A 99 -2.15 5.80 -17.83
N TYR A 100 -2.95 5.73 -18.89
CA TYR A 100 -3.29 6.90 -19.68
C TYR A 100 -4.61 7.54 -19.27
N TRP A 101 -5.30 7.01 -18.26
CA TRP A 101 -6.60 7.54 -17.88
C TRP A 101 -6.48 8.93 -17.28
N SER A 102 -7.32 9.84 -17.75
CA SER A 102 -7.43 11.17 -17.16
C SER A 102 -8.21 11.06 -15.84
N ARG A 103 -8.34 12.19 -15.15
CA ARG A 103 -9.18 12.22 -13.96
C ARG A 103 -10.65 11.98 -14.31
N ASP A 104 -11.12 12.55 -15.42
CA ASP A 104 -12.49 12.29 -15.86
C ASP A 104 -12.70 10.82 -16.20
N ASP A 105 -11.67 10.18 -16.76
CA ASP A 105 -11.73 8.75 -16.99
C ASP A 105 -11.92 8.00 -15.68
N VAL A 106 -11.14 8.36 -14.65
CA VAL A 106 -11.26 7.72 -13.34
C VAL A 106 -12.65 7.93 -12.77
N ALA A 107 -13.21 9.14 -12.93
CA ALA A 107 -14.57 9.38 -12.47
C ALA A 107 -15.58 8.50 -13.19
N GLN A 108 -15.38 8.29 -14.50
CA GLN A 108 -16.27 7.42 -15.25
C GLN A 108 -16.15 5.98 -14.79
N TRP A 109 -14.92 5.55 -14.47
CA TRP A 109 -14.69 4.19 -13.97
C TRP A 109 -15.44 3.95 -12.66
N LEU A 110 -15.44 4.94 -11.76
CA LEU A 110 -16.12 4.78 -10.48
C LEU A 110 -17.62 4.60 -10.67
N LYS A 111 -18.23 5.42 -11.55
CA LYS A 111 -19.67 5.33 -11.75
C LYS A 111 -20.06 4.04 -12.45
N TRP A 112 -19.28 3.63 -13.45
CA TRP A 112 -19.56 2.38 -14.16
C TRP A 112 -19.47 1.18 -13.22
N ALA A 113 -18.36 1.09 -12.46
CA ALA A 113 -18.20 -0.02 -11.54
C ALA A 113 -19.30 -0.05 -10.50
N GLU A 114 -19.76 1.12 -10.06
CA GLU A 114 -20.84 1.19 -9.09
C GLU A 114 -22.11 0.52 -9.62
N ASN A 115 -22.48 0.82 -10.86
CA ASN A 115 -23.64 0.17 -11.47
C ASN A 115 -23.34 -1.29 -11.81
N GLU A 116 -22.16 -1.56 -12.38
CA GLU A 116 -21.86 -2.89 -12.87
C GLU A 116 -21.84 -3.92 -11.75
N PHE A 117 -21.50 -3.51 -10.53
CA PHE A 117 -21.34 -4.44 -9.42
C PHE A 117 -22.30 -4.18 -8.27
N SER A 118 -23.26 -3.27 -8.44
CA SER A 118 -24.30 -3.02 -7.44
C SER A 118 -23.70 -2.59 -6.10
N LEU A 119 -22.70 -1.73 -6.15
CA LEU A 119 -22.02 -1.27 -4.95
C LEU A 119 -22.77 -0.08 -4.33
N ARG A 120 -22.50 0.17 -3.06
CA ARG A 120 -23.03 1.38 -2.43
C ARG A 120 -22.54 2.61 -3.19
N PRO A 121 -23.28 3.72 -3.13
CA PRO A 121 -22.91 4.90 -3.91
C PRO A 121 -21.49 5.37 -3.60
N ILE A 122 -20.77 5.78 -4.65
CA ILE A 122 -19.37 6.16 -4.55
C ILE A 122 -19.26 7.63 -4.94
N ASP A 123 -19.02 8.49 -3.95
CA ASP A 123 -18.78 9.91 -4.24
C ASP A 123 -17.59 10.07 -5.18
N SER A 124 -17.74 10.94 -6.17
CA SER A 124 -16.69 11.14 -7.15
C SER A 124 -15.47 11.82 -6.55
N ASN A 125 -15.61 12.48 -5.40
CA ASN A 125 -14.51 13.17 -4.75
C ASN A 125 -13.54 12.22 -4.04
N THR A 126 -13.82 10.92 -4.04
CA THR A 126 -12.99 9.97 -3.32
C THR A 126 -11.73 9.56 -4.09
N PHE A 127 -11.63 9.89 -5.38
CA PHE A 127 -10.46 9.56 -6.18
C PHE A 127 -10.15 10.72 -7.14
N GLU A 128 -9.79 11.87 -6.57
CA GLU A 128 -9.51 13.07 -7.38
C GLU A 128 -8.07 12.99 -7.88
N MET A 129 -7.89 12.22 -8.95
CA MET A 129 -6.57 11.92 -9.49
C MET A 129 -6.75 11.28 -10.86
N ASN A 130 -5.63 11.12 -11.57
CA ASN A 130 -5.65 10.47 -12.87
C ASN A 130 -5.18 9.01 -12.74
N GLY A 131 -5.13 8.33 -13.89
CA GLY A 131 -4.71 6.94 -13.89
C GLY A 131 -3.31 6.73 -13.37
N LYS A 132 -2.40 7.69 -13.61
CA LYS A 132 -1.04 7.58 -13.08
C LYS A 132 -1.05 7.46 -11.57
N ALA A 133 -1.84 8.31 -10.90
CA ALA A 133 -1.89 8.28 -9.44
C ALA A 133 -2.62 7.05 -8.95
N LEU A 134 -3.68 6.64 -9.66
CA LEU A 134 -4.49 5.52 -9.22
C LEU A 134 -3.68 4.24 -9.14
N LEU A 135 -2.75 4.06 -10.08
CA LEU A 135 -1.89 2.88 -10.09
C LEU A 135 -0.88 2.87 -8.94
N LEU A 136 -0.72 3.98 -8.23
CA LEU A 136 0.21 4.06 -7.12
C LEU A 136 -0.41 3.64 -5.79
N LEU A 137 -1.73 3.69 -5.68
CA LEU A 137 -2.40 3.39 -4.43
C LEU A 137 -2.27 1.92 -4.07
N THR A 138 -2.14 1.64 -2.78
CA THR A 138 -2.23 0.28 -2.30
C THR A 138 -3.70 -0.08 -2.09
N LYS A 139 -3.96 -1.38 -1.86
CA LYS A 139 -5.32 -1.79 -1.53
C LYS A 139 -5.79 -1.13 -0.24
N GLU A 140 -4.87 -0.92 0.72
CA GLU A 140 -5.22 -0.21 1.94
C GLU A 140 -5.64 1.23 1.63
N ASP A 141 -5.03 1.84 0.63
CA ASP A 141 -5.44 3.17 0.21
C ASP A 141 -6.84 3.16 -0.41
N PHE A 142 -7.17 2.09 -1.14
CA PHE A 142 -8.53 1.95 -1.65
C PHE A 142 -9.54 1.81 -0.51
N ARG A 143 -9.21 1.00 0.50
CA ARG A 143 -10.12 0.84 1.64
C ARG A 143 -10.28 2.13 2.43
N TYR A 144 -9.22 2.94 2.51
CA TYR A 144 -9.32 4.21 3.22
C TYR A 144 -10.25 5.16 2.49
N ARG A 145 -10.21 5.16 1.16
CA ARG A 145 -11.03 6.06 0.37
C ARG A 145 -12.46 5.55 0.19
N SER A 146 -12.65 4.24 0.24
CA SER A 146 -13.96 3.63 0.04
C SER A 146 -14.10 2.42 0.95
N PRO A 147 -14.55 2.62 2.18
CA PRO A 147 -14.67 1.48 3.11
C PRO A 147 -15.65 0.40 2.67
N HIS A 148 -16.62 0.73 1.83
CA HIS A 148 -17.61 -0.27 1.42
C HIS A 148 -17.23 -1.00 0.14
N SER A 149 -16.49 -0.36 -0.76
CA SER A 149 -16.21 -0.93 -2.06
C SER A 149 -14.74 -0.85 -2.44
N GLY A 150 -13.88 -0.35 -1.55
CA GLY A 150 -12.48 -0.12 -1.91
C GLY A 150 -11.78 -1.37 -2.40
N ASP A 151 -11.92 -2.48 -1.66
CA ASP A 151 -11.26 -3.71 -2.08
C ASP A 151 -11.83 -4.24 -3.39
N VAL A 152 -13.13 -4.06 -3.63
CA VAL A 152 -13.70 -4.44 -4.92
C VAL A 152 -13.06 -3.63 -6.04
N LEU A 153 -12.99 -2.31 -5.84
CA LEU A 153 -12.39 -1.44 -6.85
C LEU A 153 -10.92 -1.79 -7.08
N TYR A 154 -10.20 -2.13 -6.03
CA TYR A 154 -8.79 -2.51 -6.20
C TYR A 154 -8.68 -3.78 -7.04
N GLU A 155 -9.42 -4.83 -6.67
CA GLU A 155 -9.34 -6.09 -7.42
C GLU A 155 -9.83 -5.92 -8.84
N LEU A 156 -10.83 -5.07 -9.06
CA LEU A 156 -11.28 -4.78 -10.41
C LEU A 156 -10.16 -4.16 -11.24
N LEU A 157 -9.44 -3.21 -10.66
CA LEU A 157 -8.32 -2.59 -11.37
C LEU A 157 -7.26 -3.62 -11.71
N GLN A 158 -7.01 -4.57 -10.82
CA GLN A 158 -6.01 -5.60 -11.09
C GLN A 158 -6.46 -6.48 -12.26
N HIS A 159 -7.76 -6.77 -12.35
CA HIS A 159 -8.25 -7.56 -13.48
C HIS A 159 -8.12 -6.78 -14.78
N ILE A 160 -8.35 -5.47 -14.75
CA ILE A 160 -8.19 -4.66 -15.95
C ILE A 160 -6.73 -4.65 -16.39
N LEU A 161 -5.80 -4.52 -15.44
CA LEU A 161 -4.38 -4.53 -15.78
C LEU A 161 -3.95 -5.88 -16.34
N LYS A 162 -4.55 -6.99 -15.87
CA LYS A 162 -4.17 -8.29 -16.39
C LYS A 162 -4.76 -8.57 -17.77
N GLN A 163 -5.93 -8.00 -18.07
CA GLN A 163 -6.52 -8.20 -19.38
C GLN A 163 -5.88 -7.32 -20.44
N ARG A 164 -5.33 -6.18 -20.03
CA ARG A 164 -4.67 -5.26 -20.97
C ARG A 164 -3.34 -5.82 -21.43
N PRO A 165 -3.07 -5.71 -22.74
CA PRO A 165 -1.79 -6.19 -23.32
N SER A 172 8.43 4.42 -16.01
CA SER A 172 7.88 5.29 -17.04
C SER A 172 7.88 6.75 -16.59
N ILE A 173 7.47 6.97 -15.33
CA ILE A 173 7.37 8.33 -14.81
C ILE A 173 8.77 8.89 -14.59
N ARG A 174 9.09 9.96 -15.31
CA ARG A 174 10.36 10.67 -15.18
C ARG A 174 10.11 12.03 -14.56
N LEU A 175 10.90 12.36 -13.53
CA LEU A 175 10.74 13.64 -12.85
C LEU A 175 11.11 14.79 -13.78
N PRO A 176 10.78 16.02 -13.40
CA PRO A 176 11.16 17.17 -14.23
C PRO A 176 12.67 17.36 -14.25
N ALA A 177 13.14 17.97 -15.33
CA ALA A 177 14.57 18.23 -15.46
C ALA A 177 15.07 19.13 -14.34
N HIS A 178 14.34 20.20 -14.04
CA HIS A 178 14.76 21.15 -13.01
C HIS A 178 14.62 20.57 -11.60
N LEU A 179 13.85 19.50 -11.43
CA LEU A 179 13.63 18.88 -10.12
C LEU A 179 14.35 17.54 -9.99
N ARG A 180 15.27 17.25 -10.89
CA ARG A 180 15.95 15.95 -10.92
C ARG A 180 17.07 15.95 -9.89
N LEU A 181 16.72 15.64 -8.65
CA LEU A 181 17.65 15.58 -7.54
C LEU A 181 17.08 14.61 -6.51
N GLN A 182 17.95 13.84 -5.87
CA GLN A 182 17.51 12.86 -4.90
C GLN A 182 16.78 13.56 -3.75
N PRO A 183 15.69 12.99 -3.23
CA PRO A 183 14.91 13.68 -2.19
C PRO A 183 15.70 14.02 -0.95
N ILE A 184 16.68 13.21 -0.58
CA ILE A 184 17.47 13.49 0.61
C ILE A 184 18.21 14.82 0.50
N TYR A 185 18.47 15.30 -0.72
CA TYR A 185 19.14 16.57 -0.92
C TYR A 185 18.18 17.73 -1.11
N TRP A 186 16.87 17.51 -1.02
CA TRP A 186 15.91 18.57 -1.29
C TRP A 186 15.94 19.63 -0.20
N SER A 187 15.96 20.89 -0.62
CA SER A 187 15.72 22.00 0.30
C SER A 187 14.23 22.11 0.59
N ARG A 188 13.87 23.04 1.47
CA ARG A 188 12.46 23.29 1.71
C ARG A 188 11.76 23.79 0.46
N ASP A 189 12.46 24.59 -0.36
CA ASP A 189 11.86 25.08 -1.60
C ASP A 189 11.71 23.98 -2.64
N ASP A 190 12.64 23.02 -2.67
CA ASP A 190 12.49 21.89 -3.57
C ASP A 190 11.28 21.04 -3.18
N VAL A 191 10.96 20.97 -1.88
CA VAL A 191 9.77 20.24 -1.44
C VAL A 191 8.52 20.88 -2.00
N ALA A 192 8.43 22.21 -1.91
CA ALA A 192 7.29 22.93 -2.47
C ALA A 192 7.21 22.74 -3.98
N GLN A 193 8.35 22.82 -4.67
CA GLN A 193 8.35 22.66 -6.12
C GLN A 193 7.96 21.24 -6.53
N TRP A 194 8.31 20.25 -5.71
CA TRP A 194 7.88 18.89 -5.98
C TRP A 194 6.37 18.76 -5.84
N LEU A 195 5.77 19.48 -4.89
CA LEU A 195 4.33 19.45 -4.73
C LEU A 195 3.61 20.07 -5.94
N LYS A 196 4.10 21.23 -6.41
CA LYS A 196 3.49 21.86 -7.58
C LYS A 196 3.48 20.89 -8.77
N TRP A 197 4.61 20.25 -9.03
CA TRP A 197 4.68 19.31 -10.14
C TRP A 197 3.79 18.09 -9.92
N ALA A 198 3.72 17.61 -8.68
CA ALA A 198 2.94 16.41 -8.41
C ALA A 198 1.44 16.65 -8.58
N GLU A 199 0.97 17.85 -8.25
CA GLU A 199 -0.44 18.18 -8.48
C GLU A 199 -0.78 18.14 -9.96
N ASN A 200 0.13 18.64 -10.81
CA ASN A 200 -0.13 18.67 -12.24
C ASN A 200 0.08 17.31 -12.88
N GLU A 201 1.11 16.57 -12.44
CA GLU A 201 1.40 15.27 -13.05
C GLU A 201 0.30 14.26 -12.78
N PHE A 202 -0.40 14.37 -11.65
CA PHE A 202 -1.36 13.36 -11.24
C PHE A 202 -2.79 13.90 -11.13
N SER A 203 -3.02 15.14 -11.58
CA SER A 203 -4.35 15.76 -11.57
C SER A 203 -4.96 15.78 -10.17
N LEU A 204 -4.15 16.13 -9.19
CA LEU A 204 -4.56 16.13 -7.79
C LEU A 204 -5.32 17.41 -7.45
N ARG A 205 -6.11 17.33 -6.37
CA ARG A 205 -6.71 18.54 -5.84
C ARG A 205 -5.61 19.48 -5.37
N PRO A 206 -5.80 20.79 -5.50
CA PRO A 206 -4.72 21.74 -5.19
C PRO A 206 -4.28 21.66 -3.74
N ILE A 207 -2.96 21.72 -3.54
CA ILE A 207 -2.34 21.65 -2.22
C ILE A 207 -1.59 22.95 -1.96
N ASP A 208 -1.74 23.49 -0.75
CA ASP A 208 -0.99 24.68 -0.37
C ASP A 208 0.50 24.36 -0.30
N SER A 209 1.33 25.34 -0.69
CA SER A 209 2.77 25.09 -0.78
C SER A 209 3.40 24.93 0.60
N ASN A 210 2.89 25.65 1.61
CA ASN A 210 3.47 25.62 2.96
C ASN A 210 2.83 24.58 3.86
N THR A 211 2.41 23.43 3.30
CA THR A 211 1.91 22.34 4.11
C THR A 211 3.03 21.42 4.61
N PHE A 212 4.16 21.39 3.91
CA PHE A 212 5.33 20.63 4.33
C PHE A 212 6.48 21.61 4.52
N GLU A 213 6.45 22.36 5.63
CA GLU A 213 7.49 23.33 5.95
C GLU A 213 8.71 22.59 6.52
N MET A 214 9.41 21.91 5.63
CA MET A 214 10.53 21.05 6.00
C MET A 214 11.30 20.70 4.73
N ASN A 215 12.49 20.14 4.91
CA ASN A 215 13.35 19.77 3.79
C ASN A 215 13.18 18.29 3.45
N GLY A 216 13.90 17.85 2.41
CA GLY A 216 13.75 16.48 1.95
C GLY A 216 14.06 15.44 3.00
N LYS A 217 15.02 15.72 3.88
CA LYS A 217 15.37 14.76 4.93
C LYS A 217 14.20 14.56 5.89
N ALA A 218 13.55 15.65 6.30
CA ALA A 218 12.38 15.54 7.17
C ALA A 218 11.24 14.85 6.43
N LEU A 219 11.06 15.18 5.16
CA LEU A 219 9.99 14.59 4.36
C LEU A 219 10.09 13.06 4.32
N LEU A 220 11.31 12.54 4.33
CA LEU A 220 11.49 11.09 4.24
C LEU A 220 11.15 10.37 5.55
N LEU A 221 11.08 11.09 6.66
CA LEU A 221 10.76 10.49 7.94
C LEU A 221 9.26 10.46 8.23
N LEU A 222 8.46 11.15 7.43
CA LEU A 222 7.01 11.16 7.64
C LEU A 222 6.41 9.81 7.25
N THR A 223 5.48 9.32 8.07
CA THR A 223 4.74 8.13 7.72
C THR A 223 3.61 8.45 6.74
N LYS A 224 2.97 7.41 6.21
CA LYS A 224 1.82 7.62 5.35
C LYS A 224 0.68 8.28 6.12
N GLU A 225 0.52 7.93 7.39
CA GLU A 225 -0.49 8.59 8.21
C GLU A 225 -0.18 10.07 8.40
N ASP A 226 1.11 10.44 8.39
CA ASP A 226 1.47 11.85 8.45
C ASP A 226 1.13 12.57 7.15
N PHE A 227 1.33 11.89 6.01
CA PHE A 227 0.95 12.48 4.73
C PHE A 227 -0.56 12.66 4.63
N ARG A 228 -1.33 11.63 4.99
CA ARG A 228 -2.79 11.74 4.97
C ARG A 228 -3.25 12.91 5.83
N TYR A 229 -2.64 13.09 7.00
CA TYR A 229 -3.03 14.15 7.92
C TYR A 229 -2.82 15.53 7.28
N ARG A 230 -1.72 15.71 6.55
CA ARG A 230 -1.44 16.99 5.93
C ARG A 230 -2.21 17.18 4.64
N SER A 231 -2.40 16.11 3.87
CA SER A 231 -3.12 16.15 2.60
C SER A 231 -4.14 15.03 2.59
N PRO A 232 -5.36 15.28 3.10
CA PRO A 232 -6.37 14.22 3.15
C PRO A 232 -6.80 13.71 1.78
N HIS A 233 -6.53 14.46 0.71
CA HIS A 233 -6.96 14.06 -0.63
C HIS A 233 -5.85 13.47 -1.47
N SER A 234 -4.58 13.75 -1.15
CA SER A 234 -3.48 13.26 -1.98
C SER A 234 -2.32 12.71 -1.17
N GLY A 235 -2.46 12.60 0.15
CA GLY A 235 -1.32 12.20 0.97
C GLY A 235 -0.78 10.83 0.62
N ASP A 236 -1.66 9.86 0.41
CA ASP A 236 -1.21 8.50 0.11
C ASP A 236 -0.54 8.42 -1.25
N VAL A 237 -0.99 9.23 -2.23
CA VAL A 237 -0.31 9.28 -3.52
C VAL A 237 1.09 9.87 -3.35
N LEU A 238 1.19 10.98 -2.63
CA LEU A 238 2.48 11.64 -2.43
C LEU A 238 3.45 10.75 -1.67
N TYR A 239 2.94 9.98 -0.70
CA TYR A 239 3.81 9.08 0.06
C TYR A 239 4.36 7.96 -0.83
N GLU A 240 3.47 7.28 -1.56
CA GLU A 240 3.92 6.21 -2.44
C GLU A 240 4.88 6.72 -3.50
N LEU A 241 4.60 7.91 -4.05
CA LEU A 241 5.49 8.52 -5.04
C LEU A 241 6.88 8.74 -4.47
N LEU A 242 6.95 9.37 -3.29
CA LEU A 242 8.25 9.65 -2.69
C LEU A 242 8.98 8.37 -2.31
N GLN A 243 8.33 7.51 -1.52
CA GLN A 243 9.01 6.37 -0.91
C GLN A 243 9.29 5.26 -1.91
N HIS A 244 8.36 5.01 -2.85
CA HIS A 244 8.43 3.81 -3.66
C HIS A 244 8.58 4.07 -5.15
N ILE A 245 8.71 5.33 -5.58
CA ILE A 245 9.02 5.66 -6.96
C ILE A 245 10.35 6.42 -7.06
N LEU A 246 10.53 7.44 -6.21
CA LEU A 246 11.69 8.31 -6.29
C LEU A 246 12.82 7.88 -5.37
N GLY A 247 12.90 6.58 -5.05
CA GLY A 247 13.98 6.08 -4.22
C GLY A 247 14.02 6.65 -2.81
N GLY A 248 12.85 6.92 -2.23
CA GLY A 248 12.83 7.48 -0.89
C GLY A 248 13.00 6.47 0.22
N GLU A 249 12.60 5.22 -0.03
CA GLU A 249 12.72 4.20 1.02
C GLU A 249 14.18 3.91 1.34
N LEU A 250 15.00 3.67 0.31
CA LEU A 250 16.41 3.39 0.55
C LEU A 250 17.11 4.58 1.18
N GLN A 251 16.74 5.81 0.78
CA GLN A 251 17.37 6.99 1.37
C GLN A 251 16.92 7.18 2.82
N ARG A 252 15.70 6.77 3.16
CA ARG A 252 15.25 6.83 4.54
C ARG A 252 16.07 5.88 5.41
N LYS A 253 16.37 4.67 4.89
CA LYS A 253 17.16 3.72 5.66
C LYS A 253 18.59 4.21 5.88
N ILE A 254 19.13 4.95 4.93
CA ILE A 254 20.50 5.46 5.09
C ILE A 254 20.56 6.50 6.20
N MET A 255 19.55 7.36 6.29
CA MET A 255 19.47 8.30 7.41
C MET A 255 19.42 7.56 8.74
N GLU A 256 18.54 6.55 8.84
CA GLU A 256 18.41 5.81 10.09
C GLU A 256 19.73 5.16 10.49
N VAL A 257 20.48 4.66 9.52
CA VAL A 257 21.79 4.09 9.82
C VAL A 257 22.76 5.18 10.25
N GLU A 258 22.76 6.32 9.55
CA GLU A 258 23.66 7.41 9.91
C GLU A 258 23.35 8.00 11.27
N LEU A 259 22.12 7.85 11.76
CA LEU A 259 21.72 8.38 13.06
C LEU A 259 22.08 7.43 14.21
N SER A 260 22.51 6.21 13.91
CA SER A 260 22.75 5.21 14.95
C SER A 260 24.20 4.79 15.09
N VAL A 261 25.01 5.10 14.08
CA VAL A 261 26.45 4.73 14.10
C VAL A 261 27.23 5.98 13.71
N HIS A 262 28.03 6.48 14.63
CA HIS A 262 28.88 7.67 14.33
C HIS A 262 30.09 7.17 13.55
N GLY A 263 30.37 7.80 12.41
CA GLY A 263 31.54 7.42 11.61
C GLY A 263 31.13 6.72 10.34
N VAL A 264 29.86 6.73 9.93
CA VAL A 264 29.41 6.01 8.76
C VAL A 264 29.16 7.00 7.63
N THR A 265 29.63 6.64 6.44
CA THR A 265 29.43 7.43 5.24
C THR A 265 28.14 7.01 4.54
N HIS A 266 27.55 7.96 3.82
CA HIS A 266 26.39 7.63 2.98
C HIS A 266 26.70 6.44 2.08
N GLN A 267 27.89 6.43 1.46
CA GLN A 267 28.28 5.30 0.65
C GLN A 267 28.57 4.05 1.49
N GLU A 268 29.06 4.23 2.72
CA GLU A 268 29.29 3.08 3.59
C GLU A 268 27.99 2.49 4.11
N ALA A 269 27.04 3.36 4.48
CA ALA A 269 25.75 2.88 4.93
C ALA A 269 24.99 2.16 3.82
N GLN A 270 25.16 2.61 2.57
CA GLN A 270 24.48 1.95 1.46
C GLN A 270 24.99 0.53 1.25
N THR A 271 26.30 0.33 1.43
CA THR A 271 26.86 -1.01 1.25
C THR A 271 26.33 -1.97 2.31
N ALA A 272 26.31 -1.54 3.57
CA ALA A 272 25.85 -2.41 4.65
C ALA A 272 24.35 -2.70 4.54
N LEU A 273 23.57 -1.70 4.12
CA LEU A 273 22.14 -1.90 3.97
C LEU A 273 21.82 -2.91 2.87
N GLY A 274 22.65 -2.95 1.82
CA GLY A 274 22.44 -3.95 0.78
C GLY A 274 22.79 -5.35 1.25
N ALA A 275 23.87 -5.48 2.02
CA ALA A 275 24.25 -6.78 2.55
C ALA A 275 23.29 -7.27 3.63
N THR A 276 22.48 -6.38 4.20
CA THR A 276 21.49 -6.76 5.20
C THR A 276 20.11 -6.97 4.61
N GLY A 277 19.95 -6.78 3.30
CA GLY A 277 18.66 -6.96 2.66
C GLY A 277 17.63 -5.91 3.04
N GLY A 278 18.08 -4.67 3.29
CA GLY A 278 17.18 -3.61 3.70
C GLY A 278 16.88 -3.58 5.18
N ASP A 279 17.47 -4.48 5.97
CA ASP A 279 17.24 -4.52 7.42
C ASP A 279 18.14 -3.49 8.09
N VAL A 280 17.53 -2.44 8.65
CA VAL A 280 18.30 -1.38 9.27
C VAL A 280 18.99 -1.87 10.54
N VAL A 281 18.32 -2.73 11.31
CA VAL A 281 18.90 -3.24 12.55
C VAL A 281 20.12 -4.10 12.23
N SER A 282 19.99 -5.03 11.28
CA SER A 282 21.12 -5.86 10.90
C SER A 282 22.24 -5.02 10.29
N ALA A 283 21.90 -3.92 9.62
CA ALA A 283 22.93 -3.07 9.04
C ALA A 283 23.69 -2.29 10.11
N ILE A 284 22.98 -1.76 11.10
CA ILE A 284 23.63 -1.02 12.17
C ILE A 284 24.53 -1.94 13.00
N ARG A 285 24.02 -3.13 13.34
CA ARG A 285 24.80 -4.06 14.16
C ARG A 285 26.03 -4.56 13.42
N ASN A 286 25.91 -4.80 12.11
CA ASN A 286 27.07 -5.25 11.35
C ASN A 286 28.09 -4.13 11.13
N LEU A 287 27.63 -2.88 11.09
CA LEU A 287 28.57 -1.77 11.01
C LEU A 287 29.28 -1.55 12.35
N LYS A 288 28.55 -1.69 13.46
CA LYS A 288 29.18 -1.63 14.77
C LYS A 288 30.20 -2.74 14.93
N VAL A 289 29.87 -3.95 14.47
CA VAL A 289 30.82 -5.06 14.52
C VAL A 289 32.02 -4.78 13.64
N ASP A 290 31.81 -4.15 12.48
CA ASP A 290 32.92 -3.87 11.59
C ASP A 290 33.91 -2.89 12.20
N GLN A 291 33.41 -1.92 12.97
CA GLN A 291 34.31 -0.95 13.61
C GLN A 291 35.06 -1.56 14.78
N LEU A 292 34.39 -2.40 15.57
CA LEU A 292 35.04 -2.97 16.75
C LEU A 292 36.05 -4.05 16.35
N PHE A 293 35.75 -4.82 15.30
CA PHE A 293 36.66 -5.87 14.86
C PHE A 293 37.97 -5.28 14.35
N HIS A 294 37.93 -4.11 13.71
CA HIS A 294 39.18 -3.49 13.26
C HIS A 294 39.98 -2.95 14.43
N LEU A 295 39.31 -2.50 15.49
CA LEU A 295 40.01 -2.02 16.68
C LEU A 295 40.44 -3.15 17.61
N SER A 296 40.04 -4.38 17.34
CA SER A 296 40.34 -5.50 18.22
C SER A 296 41.44 -6.38 17.63
N SER A 297 41.91 -7.31 18.44
CA SER A 297 42.88 -8.32 18.03
C SER A 297 42.26 -9.71 17.96
N ARG A 298 40.94 -9.82 18.06
CA ARG A 298 40.25 -11.10 17.98
C ARG A 298 39.30 -11.12 16.79
N SER A 299 38.70 -12.29 16.58
CA SER A 299 37.91 -12.55 15.39
C SER A 299 36.64 -11.69 15.38
N ARG A 300 35.98 -11.69 14.22
CA ARG A 300 34.74 -10.94 14.05
C ARG A 300 33.62 -11.53 14.89
N ALA A 301 33.63 -12.86 15.10
CA ALA A 301 32.64 -13.47 15.98
C ALA A 301 32.83 -13.05 17.43
N ASP A 302 34.08 -12.85 17.85
CA ASP A 302 34.33 -12.33 19.20
C ASP A 302 33.86 -10.89 19.33
N ALA A 303 33.80 -10.15 18.22
CA ALA A 303 33.27 -8.79 18.26
C ALA A 303 31.76 -8.79 18.47
N TRP A 304 31.05 -9.72 17.82
CA TRP A 304 29.61 -9.84 18.03
C TRP A 304 29.29 -10.08 19.50
N ARG A 305 30.00 -11.01 20.13
CA ARG A 305 29.71 -11.36 21.52
C ARG A 305 30.09 -10.23 22.48
N ILE A 306 31.12 -9.46 22.16
CA ILE A 306 31.50 -8.34 23.03
C ILE A 306 30.46 -7.24 22.96
N LEU A 307 29.99 -6.90 21.75
CA LEU A 307 28.93 -5.91 21.62
C LEU A 307 27.64 -6.40 22.27
N GLU A 308 27.30 -7.67 22.09
CA GLU A 308 26.12 -8.22 22.76
C GLU A 308 26.27 -8.17 24.27
N HIS A 309 27.49 -8.31 24.78
CA HIS A 309 27.71 -8.22 26.22
C HIS A 309 27.46 -6.81 26.75
N TYR A 310 27.65 -5.78 25.91
CA TYR A 310 27.46 -4.39 26.30
C TYR A 310 26.18 -3.80 25.74
N GLN A 311 25.15 -4.64 25.56
CA GLN A 311 23.83 -4.18 25.12
C GLN A 311 23.90 -3.41 23.81
N TRP A 312 24.87 -3.78 22.96
CA TRP A 312 25.06 -3.17 21.64
C TRP A 312 25.39 -1.67 21.76
N ASP A 313 26.40 -1.37 22.58
CA ASP A 313 26.92 -0.01 22.73
C ASP A 313 28.35 -0.02 22.22
N LEU A 314 28.59 0.67 21.10
CA LEU A 314 29.91 0.64 20.48
C LEU A 314 30.94 1.41 21.29
N SER A 315 30.53 2.47 21.99
CA SER A 315 31.47 3.25 22.79
C SER A 315 31.96 2.46 24.00
N ALA A 316 31.05 1.79 24.71
CA ALA A 316 31.43 1.01 25.88
C ALA A 316 32.28 -0.20 25.49
N ALA A 317 31.90 -0.89 24.42
CA ALA A 317 32.66 -2.07 23.99
C ALA A 317 34.05 -1.68 23.53
N SER A 318 34.18 -0.59 22.77
CA SER A 318 35.49 -0.14 22.33
C SER A 318 36.36 0.28 23.50
N ARG A 319 35.74 0.77 24.58
CA ARG A 319 36.51 1.10 25.79
C ARG A 319 37.09 -0.15 26.43
N TYR A 320 36.36 -1.26 26.38
CA TYR A 320 36.85 -2.51 26.95
C TYR A 320 37.99 -3.09 26.10
N VAL A 321 37.85 -3.01 24.78
CA VAL A 321 38.87 -3.60 23.90
C VAL A 321 40.16 -2.79 23.95
N LEU A 322 40.05 -1.47 24.01
CA LEU A 322 41.23 -0.60 24.04
C LEU A 322 41.62 -0.27 25.47
#